data_7P3V
#
_entry.id   7P3V
#
_cell.length_a   52.632
_cell.length_b   104.854
_cell.length_c   109.557
_cell.angle_alpha   90.000
_cell.angle_beta   90.000
_cell.angle_gamma   90.000
#
_symmetry.space_group_name_H-M   'P 21 21 21'
#
loop_
_entity.id
_entity.type
_entity.pdbx_description
1 polymer 'Serine/threonine-protein kinase B-raf'
2 non-polymer ~{N}-[3-[5-(2-azanylpyrimidin-4-yl)-2-[(3~{S})-morpholin-3-yl]-1,3-thiazol-4-yl]-2-fluoranyl-phenyl]-2,5-bis(fluoranyl)benzenesulfonamide
3 water water
#
_entity_poly.entity_id   1
_entity_poly.type   'polypeptide(L)'
_entity_poly.pdbx_seq_one_letter_code
;FDDWEIPDGQITVGQRIGSGSFGTVYKGKWHGDVAVKMLNVTAPTPQQLQAFKNEVGVLRKTRHVNILLFMGYSTKPQLA
IVTQWCEGSSLYHHLHASETKFEMKKLIDIARQTARGMDYLHAKSIIHRDLKSNNIFLHEDNTVKIGDFGLATEKSRWSG
SHQFEQLSGSILWMAPEVIRMQDSNPYSFQSDVYAFGIVLYELMTGQLPYSNINNRDQIIEMVGRGSLSPDLSKVRSNCP
KRMKRLMAECLKKKRDERPSFPRILAEIEELAREA
;
_entity_poly.pdbx_strand_id   A,B
#
# COMPACT_ATOMS: atom_id res chain seq x y z
N PHE A 1 -6.42 25.70 -4.76
CA PHE A 1 -6.73 24.30 -5.11
C PHE A 1 -8.11 24.17 -5.78
N ASP A 2 -9.10 24.90 -5.23
CA ASP A 2 -10.43 24.98 -5.81
C ASP A 2 -10.44 25.60 -7.19
N ASP A 3 -9.32 26.20 -7.61
CA ASP A 3 -9.23 26.90 -8.88
C ASP A 3 -8.79 25.99 -10.03
N TRP A 4 -8.64 24.69 -9.79
CA TRP A 4 -8.21 23.77 -10.82
C TRP A 4 -9.26 22.69 -11.09
N GLU A 5 -10.43 22.81 -10.48
CA GLU A 5 -11.52 21.87 -10.72
C GLU A 5 -12.25 22.21 -12.01
N ILE A 6 -12.66 21.17 -12.74
CA ILE A 6 -13.37 21.33 -14.00
C ILE A 6 -14.81 20.89 -13.79
N PRO A 7 -15.79 21.79 -13.88
CA PRO A 7 -17.17 21.44 -13.54
C PRO A 7 -17.75 20.35 -14.43
N ASP A 8 -18.66 19.56 -13.85
CA ASP A 8 -19.41 18.50 -14.51
C ASP A 8 -19.91 18.96 -15.87
N GLY A 9 -19.61 18.19 -16.91
CA GLY A 9 -20.14 18.45 -18.21
C GLY A 9 -19.17 19.07 -19.20
N GLN A 10 -18.11 19.73 -18.71
CA GLN A 10 -17.19 20.43 -19.60
C GLN A 10 -16.33 19.50 -20.42
N ILE A 11 -15.96 18.32 -19.90
CA ILE A 11 -15.10 17.37 -20.59
C ILE A 11 -15.93 16.32 -21.33
N THR A 12 -15.57 16.06 -22.59
CA THR A 12 -16.22 15.05 -23.43
C THR A 12 -15.29 13.86 -23.57
N VAL A 13 -15.67 12.73 -22.96
CA VAL A 13 -14.78 11.59 -22.85
C VAL A 13 -14.85 10.75 -24.12
N GLY A 14 -13.69 10.41 -24.67
CA GLY A 14 -13.60 9.65 -25.91
C GLY A 14 -13.07 8.23 -25.75
N GLN A 15 -12.16 7.81 -26.64
CA GLN A 15 -11.69 6.43 -26.63
C GLN A 15 -11.07 6.07 -25.29
N ARG A 16 -11.41 4.88 -24.81
CA ARG A 16 -10.69 4.31 -23.68
C ARG A 16 -9.29 3.91 -24.13
N ILE A 17 -8.29 4.33 -23.36
CA ILE A 17 -6.91 4.12 -23.74
C ILE A 17 -6.27 3.00 -22.94
N GLY A 18 -6.74 2.74 -21.71
CA GLY A 18 -6.14 1.81 -20.79
C GLY A 18 -6.82 1.78 -19.44
N SER A 19 -6.96 0.61 -18.87
CA SER A 19 -7.79 0.41 -17.68
C SER A 19 -6.89 0.14 -16.48
N GLY A 20 -7.16 -0.87 -15.66
CA GLY A 20 -6.51 -1.06 -14.38
C GLY A 20 -7.52 -0.98 -13.26
N SER A 21 -7.21 -1.59 -12.11
CA SER A 21 -8.19 -1.57 -11.02
C SER A 21 -8.17 -0.27 -10.23
N PHE A 22 -7.15 0.57 -10.42
CA PHE A 22 -7.12 1.87 -9.77
C PHE A 22 -7.78 2.97 -10.63
N GLY A 23 -7.62 2.91 -11.95
CA GLY A 23 -8.21 3.93 -12.81
C GLY A 23 -8.31 3.46 -14.25
N THR A 24 -8.89 4.35 -15.07
CA THR A 24 -8.91 4.16 -16.51
C THR A 24 -8.58 5.50 -17.16
N VAL A 25 -7.89 5.44 -18.29
CA VAL A 25 -7.49 6.65 -19.00
C VAL A 25 -8.32 6.76 -20.26
N TYR A 26 -8.85 7.94 -20.52
CA TYR A 26 -9.55 8.24 -21.76
C TYR A 26 -8.89 9.40 -22.47
N LYS A 27 -9.08 9.44 -23.78
CA LYS A 27 -8.89 10.66 -24.53
C LYS A 27 -10.15 11.51 -24.43
N GLY A 28 -9.98 12.82 -24.20
CA GLY A 28 -11.13 13.69 -24.03
C GLY A 28 -10.95 14.99 -24.79
N LYS A 29 -12.07 15.73 -24.89
CA LYS A 29 -12.07 17.10 -25.40
C LYS A 29 -12.30 18.05 -24.25
N TRP A 30 -11.41 19.04 -24.13
CA TRP A 30 -11.57 20.19 -23.22
C TRP A 30 -10.62 21.27 -23.74
N HIS A 31 -11.17 22.30 -24.39
CA HIS A 31 -10.34 23.34 -25.02
C HIS A 31 -9.25 22.68 -25.88
N GLY A 32 -9.68 21.70 -26.68
CA GLY A 32 -8.79 20.82 -27.42
C GLY A 32 -8.78 19.40 -26.87
N ASP A 33 -7.68 18.69 -27.13
CA ASP A 33 -7.50 17.31 -26.71
C ASP A 33 -6.91 17.25 -25.30
N VAL A 34 -7.41 16.31 -24.49
CA VAL A 34 -6.85 15.99 -23.17
C VAL A 34 -6.87 14.49 -22.96
N ALA A 35 -6.07 14.04 -21.99
CA ALA A 35 -6.18 12.72 -21.40
C ALA A 35 -6.92 12.84 -20.08
N VAL A 36 -7.93 11.97 -19.87
CA VAL A 36 -8.71 11.92 -18.63
C VAL A 36 -8.43 10.59 -17.95
N LYS A 37 -7.89 10.66 -16.73
CA LYS A 37 -7.62 9.47 -15.93
C LYS A 37 -8.72 9.40 -14.88
N MET A 38 -9.63 8.44 -15.05
CA MET A 38 -10.73 8.23 -14.12
C MET A 38 -10.31 7.28 -13.00
N LEU A 39 -10.54 7.69 -11.75
CA LEU A 39 -10.30 6.80 -10.62
C LEU A 39 -11.48 5.88 -10.38
N ASN A 40 -11.17 4.61 -10.10
CA ASN A 40 -12.19 3.59 -9.89
C ASN A 40 -12.80 3.73 -8.50
N VAL A 41 -13.46 4.85 -8.28
CA VAL A 41 -14.05 5.19 -7.00
C VAL A 41 -15.46 5.69 -7.26
N THR A 42 -16.39 5.26 -6.40
CA THR A 42 -17.80 5.67 -6.41
C THR A 42 -18.06 6.38 -5.09
N ALA A 43 -18.36 7.67 -5.14
CA ALA A 43 -18.70 8.39 -3.90
C ALA A 43 -17.57 8.29 -2.89
N PRO A 44 -16.47 9.02 -3.12
CA PRO A 44 -15.32 8.90 -2.23
C PRO A 44 -15.63 9.31 -0.80
N THR A 45 -15.02 8.60 0.15
CA THR A 45 -15.10 8.95 1.57
C THR A 45 -14.28 10.20 1.86
N PRO A 46 -14.43 10.77 3.08
CA PRO A 46 -13.47 11.78 3.54
C PRO A 46 -12.00 11.45 3.29
N GLN A 47 -11.54 10.29 3.78
CA GLN A 47 -10.11 9.98 3.72
C GLN A 47 -9.64 9.78 2.29
N GLN A 48 -10.49 9.24 1.41
CA GLN A 48 -10.08 9.09 0.02
C GLN A 48 -9.98 10.45 -0.67
N LEU A 49 -10.85 11.39 -0.30
CA LEU A 49 -10.77 12.72 -0.87
C LEU A 49 -9.51 13.44 -0.40
N GLN A 50 -9.18 13.33 0.88
CA GLN A 50 -7.96 13.96 1.35
C GLN A 50 -6.74 13.30 0.73
N ALA A 51 -6.77 11.99 0.53
CA ALA A 51 -5.68 11.37 -0.22
C ALA A 51 -5.61 11.94 -1.63
N PHE A 52 -6.77 12.15 -2.27
CA PHE A 52 -6.84 12.67 -3.63
C PHE A 52 -6.41 14.14 -3.69
N LYS A 53 -7.02 15.00 -2.87
CA LYS A 53 -6.59 16.39 -2.84
C LYS A 53 -5.11 16.51 -2.52
N ASN A 54 -4.55 15.55 -1.77
CA ASN A 54 -3.12 15.57 -1.48
C ASN A 54 -2.28 15.22 -2.70
N GLU A 55 -2.74 14.26 -3.52
CA GLU A 55 -1.94 13.86 -4.68
C GLU A 55 -2.09 14.82 -5.84
N VAL A 56 -3.27 15.41 -6.01
CA VAL A 56 -3.38 16.53 -6.94
C VAL A 56 -2.42 17.64 -6.52
N GLY A 57 -2.23 17.80 -5.21
CA GLY A 57 -1.32 18.82 -4.73
C GLY A 57 0.09 18.63 -5.26
N VAL A 58 0.56 17.38 -5.30
CA VAL A 58 1.87 17.12 -5.89
C VAL A 58 1.87 17.45 -7.37
N LEU A 59 0.88 16.93 -8.11
CA LEU A 59 0.80 17.21 -9.53
C LEU A 59 0.71 18.70 -9.82
N ARG A 60 0.05 19.46 -8.94
CA ARG A 60 -0.01 20.91 -9.01
C ARG A 60 1.35 21.58 -8.85
N LYS A 61 2.38 20.85 -8.41
CA LYS A 61 3.69 21.43 -8.15
C LYS A 61 4.62 21.34 -9.35
N THR A 62 4.17 20.73 -10.46
CA THR A 62 5.02 20.45 -11.61
C THR A 62 4.65 21.33 -12.80
N ARG A 63 5.65 22.01 -13.36
CA ARG A 63 5.49 22.89 -14.53
C ARG A 63 6.81 22.76 -15.32
N HIS A 64 6.87 21.82 -16.23
CA HIS A 64 8.11 21.53 -16.93
C HIS A 64 7.76 20.84 -18.24
N VAL A 65 8.52 21.17 -19.29
CA VAL A 65 8.14 20.75 -20.63
C VAL A 65 8.19 19.23 -20.76
N ASN A 66 9.02 18.56 -19.97
CA ASN A 66 9.20 17.12 -20.04
C ASN A 66 8.43 16.35 -18.96
N ILE A 67 7.56 17.03 -18.21
CA ILE A 67 6.65 16.41 -17.24
C ILE A 67 5.24 16.53 -17.77
N LEU A 68 4.54 15.41 -17.93
CA LEU A 68 3.15 15.45 -18.39
C LEU A 68 2.38 16.57 -17.71
N LEU A 69 1.79 17.45 -18.50
CA LEU A 69 1.19 18.66 -17.96
C LEU A 69 -0.12 18.37 -17.24
N PHE A 70 -0.14 18.58 -15.92
CA PHE A 70 -1.40 18.69 -15.18
C PHE A 70 -2.23 19.86 -15.68
N MET A 71 -3.52 19.63 -15.94
CA MET A 71 -4.43 20.69 -16.38
C MET A 71 -5.62 20.92 -15.47
N GLY A 72 -6.07 19.91 -14.73
CA GLY A 72 -7.20 20.12 -13.84
C GLY A 72 -7.66 18.81 -13.24
N TYR A 73 -8.83 18.86 -12.62
CA TYR A 73 -9.42 17.68 -12.01
C TYR A 73 -10.91 17.91 -11.86
N SER A 74 -11.65 16.81 -11.74
CA SER A 74 -13.07 16.86 -11.46
C SER A 74 -13.40 15.97 -10.28
N THR A 75 -14.53 16.27 -9.64
CA THR A 75 -15.11 15.36 -8.66
C THR A 75 -16.43 14.74 -9.10
N LYS A 76 -17.13 15.35 -10.06
CA LYS A 76 -18.25 14.68 -10.70
C LYS A 76 -18.12 14.91 -12.20
N PRO A 77 -18.60 13.96 -13.02
CA PRO A 77 -19.34 12.74 -12.64
C PRO A 77 -18.54 11.75 -11.78
N GLN A 78 -17.22 11.84 -11.81
CA GLN A 78 -16.34 10.96 -11.04
C GLN A 78 -15.03 11.68 -10.76
N LEU A 79 -14.27 11.13 -9.82
CA LEU A 79 -12.92 11.63 -9.60
C LEU A 79 -12.07 11.38 -10.84
N ALA A 80 -11.43 12.43 -11.32
CA ALA A 80 -10.61 12.34 -12.51
C ALA A 80 -9.48 13.34 -12.38
N ILE A 81 -8.37 13.05 -13.05
CA ILE A 81 -7.31 14.02 -13.29
C ILE A 81 -7.18 14.20 -14.79
N VAL A 82 -6.98 15.46 -15.20
CA VAL A 82 -6.98 15.86 -16.61
C VAL A 82 -5.60 16.36 -16.95
N THR A 83 -5.05 15.89 -18.06
CA THR A 83 -3.74 16.34 -18.47
C THR A 83 -3.78 16.63 -19.95
N GLN A 84 -2.70 17.23 -20.43
CA GLN A 84 -2.51 17.35 -21.86
C GLN A 84 -2.59 15.98 -22.52
N TRP A 85 -3.00 15.99 -23.77
CA TRP A 85 -2.95 14.83 -24.65
C TRP A 85 -1.60 14.78 -25.35
N CYS A 86 -0.93 13.63 -25.27
CA CYS A 86 0.30 13.44 -26.04
C CYS A 86 -0.04 12.79 -27.38
N GLU A 87 0.57 13.28 -28.44
CA GLU A 87 0.41 12.70 -29.78
C GLU A 87 1.52 11.70 -30.03
N GLY A 88 1.16 10.52 -30.53
CA GLY A 88 2.14 9.49 -30.80
C GLY A 88 2.13 8.37 -29.77
N SER A 89 3.28 7.73 -29.55
CA SER A 89 3.36 6.52 -28.76
C SER A 89 4.24 6.74 -27.55
N SER A 90 4.25 5.78 -26.65
CA SER A 90 5.23 5.80 -25.58
C SER A 90 6.61 5.48 -26.15
N LEU A 91 7.63 5.70 -25.34
CA LEU A 91 8.97 5.31 -25.72
C LEU A 91 9.08 3.80 -25.82
N TYR A 92 8.36 3.09 -24.93
CA TYR A 92 8.36 1.63 -24.94
C TYR A 92 7.85 1.10 -26.27
N HIS A 93 6.75 1.67 -26.76
CA HIS A 93 6.24 1.26 -28.06
C HIS A 93 7.28 1.43 -29.16
N HIS A 94 7.97 2.58 -29.16
CA HIS A 94 8.97 2.86 -30.19
C HIS A 94 10.13 1.87 -30.16
N LEU A 95 10.71 1.67 -28.97
CA LEU A 95 11.91 0.84 -28.86
C LEU A 95 11.61 -0.64 -29.12
N HIS A 96 10.42 -1.11 -28.71
CA HIS A 96 10.17 -2.54 -28.62
C HIS A 96 9.00 -3.05 -29.45
N ALA A 97 8.26 -2.18 -30.13
CA ALA A 97 7.18 -2.65 -31.02
C ALA A 97 7.16 -1.96 -32.36
N SER A 98 7.95 -0.91 -32.55
CA SER A 98 8.07 -0.24 -33.83
C SER A 98 9.40 -0.50 -34.50
N GLU A 99 10.45 -0.66 -33.71
CA GLU A 99 11.80 -0.70 -34.23
C GLU A 99 12.05 0.52 -35.12
N THR A 100 11.54 1.66 -34.67
CA THR A 100 11.78 2.93 -35.34
C THR A 100 13.26 3.13 -35.60
N LYS A 101 14.10 2.57 -34.74
CA LYS A 101 15.54 2.84 -34.77
C LYS A 101 15.78 4.35 -34.91
N PHE A 102 15.41 5.02 -33.83
CA PHE A 102 15.90 6.38 -33.61
C PHE A 102 17.41 6.37 -33.72
N GLU A 103 17.94 6.83 -34.84
CA GLU A 103 19.39 6.91 -34.97
C GLU A 103 19.98 7.56 -33.73
N MET A 104 21.12 7.04 -33.29
CA MET A 104 21.70 7.39 -32.00
C MET A 104 21.44 8.83 -31.57
N LYS A 105 21.63 9.79 -32.48
CA LYS A 105 21.43 11.20 -32.15
C LYS A 105 20.17 11.44 -31.33
N LYS A 106 19.01 10.93 -31.78
CA LYS A 106 17.77 11.11 -31.02
C LYS A 106 17.74 10.24 -29.78
N LEU A 107 18.26 9.00 -29.86
CA LEU A 107 18.35 8.17 -28.66
C LEU A 107 18.94 8.94 -27.50
N ILE A 108 19.97 9.76 -27.76
CA ILE A 108 20.57 10.56 -26.70
C ILE A 108 19.67 11.73 -26.33
N ASP A 109 19.09 12.40 -27.33
CA ASP A 109 18.17 13.48 -27.02
C ASP A 109 17.05 13.04 -26.10
N ILE A 110 16.51 11.85 -26.36
CA ILE A 110 15.41 11.34 -25.54
C ILE A 110 15.90 11.09 -24.13
N ALA A 111 17.14 10.59 -24.01
CA ALA A 111 17.74 10.38 -22.71
C ALA A 111 18.08 11.71 -22.04
N ARG A 112 18.37 12.75 -22.83
CA ARG A 112 18.57 14.06 -22.25
C ARG A 112 17.27 14.65 -21.71
N GLN A 113 16.21 14.62 -22.53
CA GLN A 113 14.91 15.12 -22.09
C GLN A 113 14.39 14.37 -20.87
N THR A 114 14.58 13.05 -20.83
CA THR A 114 14.12 12.26 -19.69
C THR A 114 14.89 12.65 -18.43
N ALA A 115 16.21 12.82 -18.54
CA ALA A 115 17.00 13.31 -17.41
C ALA A 115 16.62 14.73 -17.02
N ARG A 116 16.27 15.58 -17.99
CA ARG A 116 15.79 16.92 -17.65
C ARG A 116 14.57 16.84 -16.75
N GLY A 117 13.55 16.09 -17.18
CA GLY A 117 12.35 15.95 -16.37
C GLY A 117 12.59 15.30 -15.02
N MET A 118 13.50 14.33 -14.95
CA MET A 118 13.75 13.67 -13.66
C MET A 118 14.47 14.60 -12.71
N ASP A 119 15.47 15.33 -13.22
CA ASP A 119 16.13 16.35 -12.40
C ASP A 119 15.13 17.37 -11.88
N TYR A 120 14.16 17.75 -12.71
CA TYR A 120 13.16 18.69 -12.23
C TYR A 120 12.35 18.09 -11.08
N LEU A 121 11.85 16.86 -11.26
CA LEU A 121 11.05 16.23 -10.20
C LEU A 121 11.85 16.09 -8.91
N HIS A 122 13.09 15.62 -9.03
CA HIS A 122 13.87 15.47 -7.81
C HIS A 122 14.12 16.81 -7.15
N ALA A 123 14.43 17.84 -7.95
CA ALA A 123 14.62 19.17 -7.36
C ALA A 123 13.37 19.63 -6.61
N LYS A 124 12.20 19.14 -7.03
CA LYS A 124 10.95 19.35 -6.30
C LYS A 124 10.70 18.30 -5.21
N SER A 125 11.66 17.41 -4.92
CA SER A 125 11.47 16.38 -3.89
C SER A 125 10.34 15.41 -4.25
N ILE A 126 10.10 15.17 -5.53
CA ILE A 126 9.11 14.20 -5.97
C ILE A 126 9.84 12.97 -6.47
N ILE A 127 9.60 11.82 -5.82
CA ILE A 127 10.06 10.54 -6.34
C ILE A 127 8.97 9.98 -7.26
N HIS A 128 9.39 9.53 -8.44
CA HIS A 128 8.44 9.00 -9.41
C HIS A 128 7.86 7.66 -8.95
N ARG A 129 8.73 6.69 -8.63
CA ARG A 129 8.44 5.36 -8.08
C ARG A 129 8.12 4.33 -9.16
N ASP A 130 8.03 4.73 -10.43
CA ASP A 130 7.63 3.80 -11.48
C ASP A 130 8.10 4.29 -12.85
N LEU A 131 9.33 4.80 -12.95
CA LEU A 131 9.84 5.27 -14.22
C LEU A 131 10.20 4.11 -15.13
N LYS A 132 9.74 4.19 -16.36
CA LYS A 132 10.01 3.15 -17.34
C LYS A 132 9.54 3.69 -18.68
N SER A 133 9.85 2.95 -19.74
CA SER A 133 9.60 3.49 -21.08
C SER A 133 8.12 3.50 -21.43
N ASN A 134 7.31 2.66 -20.76
CA ASN A 134 5.86 2.74 -20.90
C ASN A 134 5.32 4.05 -20.38
N ASN A 135 6.00 4.66 -19.42
CA ASN A 135 5.51 5.85 -18.77
C ASN A 135 6.16 7.11 -19.32
N ILE A 136 6.91 6.98 -20.41
CA ILE A 136 7.56 8.09 -21.08
C ILE A 136 6.85 8.26 -22.41
N PHE A 137 6.07 9.32 -22.54
CA PHE A 137 5.31 9.53 -23.75
C PHE A 137 6.08 10.44 -24.69
N LEU A 138 6.23 10.01 -25.94
CA LEU A 138 7.05 10.73 -26.91
C LEU A 138 6.11 11.63 -27.72
N HIS A 139 5.79 12.79 -27.13
CA HIS A 139 4.79 13.67 -27.72
C HIS A 139 5.27 14.22 -29.06
N GLU A 140 4.42 14.09 -30.07
CA GLU A 140 4.74 14.45 -31.46
C GLU A 140 6.05 13.82 -31.90
N ASP A 141 6.45 12.72 -31.26
CA ASP A 141 7.69 12.01 -31.53
C ASP A 141 8.92 12.83 -31.19
N ASN A 142 8.76 13.91 -30.45
CA ASN A 142 9.90 14.76 -30.17
C ASN A 142 10.06 15.13 -28.70
N THR A 143 8.98 15.39 -27.98
CA THR A 143 9.11 15.86 -26.62
C THR A 143 8.79 14.74 -25.64
N VAL A 144 9.73 14.47 -24.73
CA VAL A 144 9.51 13.50 -23.68
C VAL A 144 8.53 14.05 -22.66
N LYS A 145 7.47 13.29 -22.39
CA LYS A 145 6.55 13.59 -21.30
C LYS A 145 6.58 12.41 -20.33
N ILE A 146 7.18 12.62 -19.17
CA ILE A 146 7.18 11.63 -18.10
C ILE A 146 5.83 11.69 -17.38
N GLY A 147 5.14 10.57 -17.35
CA GLY A 147 3.89 10.49 -16.62
C GLY A 147 3.82 9.26 -15.73
N ASP A 148 2.65 9.07 -15.13
CA ASP A 148 2.26 7.85 -14.42
C ASP A 148 3.07 7.64 -13.15
N PHE A 149 3.11 8.65 -12.28
CA PHE A 149 3.76 8.44 -11.00
C PHE A 149 3.07 7.28 -10.26
N GLY A 150 3.78 6.69 -9.29
CA GLY A 150 3.20 5.68 -8.44
C GLY A 150 2.92 6.17 -7.02
N LEU A 151 2.36 5.26 -6.23
CA LEU A 151 2.27 5.36 -4.76
C LEU A 151 1.41 4.22 -4.24
N GLY A 169 -2.12 3.85 12.05
CA GLY A 169 -2.30 4.04 13.49
C GLY A 169 -2.29 2.76 14.32
N SER A 170 -1.30 1.89 14.07
CA SER A 170 -1.16 0.63 14.77
C SER A 170 0.27 0.37 15.24
N ILE A 171 1.18 1.34 15.11
CA ILE A 171 2.58 1.10 15.48
C ILE A 171 2.68 0.66 16.93
N LEU A 172 1.78 1.16 17.79
CA LEU A 172 1.84 0.79 19.19
C LEU A 172 1.66 -0.71 19.40
N TRP A 173 0.98 -1.38 18.48
CA TRP A 173 0.67 -2.80 18.59
C TRP A 173 1.57 -3.66 17.73
N MET A 174 2.60 -3.09 17.14
CA MET A 174 3.44 -3.79 16.17
C MET A 174 4.67 -4.38 16.86
N ALA A 175 4.88 -5.69 16.70
CA ALA A 175 6.05 -6.30 17.29
C ALA A 175 7.30 -5.71 16.63
N PRO A 176 8.45 -5.77 17.32
CA PRO A 176 9.70 -5.28 16.71
C PRO A 176 9.87 -5.68 15.25
N GLU A 177 9.56 -6.93 14.87
CA GLU A 177 9.83 -7.35 13.49
C GLU A 177 8.89 -6.67 12.51
N VAL A 178 7.68 -6.36 12.94
CA VAL A 178 6.72 -5.69 12.08
C VAL A 178 7.00 -4.19 12.04
N ILE A 179 7.32 -3.59 13.19
CA ILE A 179 7.60 -2.16 13.25
C ILE A 179 8.83 -1.82 12.42
N ARG A 180 9.77 -2.74 12.28
CA ARG A 180 10.89 -2.53 11.38
C ARG A 180 10.43 -2.24 9.95
N MET A 181 9.47 -3.01 9.44
CA MET A 181 9.05 -2.78 8.06
C MET A 181 8.46 -1.38 7.85
N GLN A 182 7.72 -0.88 8.84
CA GLN A 182 7.29 0.51 8.79
C GLN A 182 8.45 1.48 8.64
N ASP A 183 9.70 1.03 8.86
CA ASP A 183 10.88 1.88 8.84
C ASP A 183 11.72 1.67 7.59
N SER A 184 11.19 1.01 6.57
CA SER A 184 11.98 0.75 5.37
C SER A 184 11.68 1.74 4.25
N ASN A 185 10.74 1.37 3.35
CA ASN A 185 10.51 2.10 2.12
C ASN A 185 11.78 2.09 1.27
N PRO A 186 11.82 1.24 0.24
CA PRO A 186 12.99 1.21 -0.64
C PRO A 186 13.00 2.32 -1.70
N TYR A 187 11.92 3.08 -1.83
CA TYR A 187 11.77 4.09 -2.87
C TYR A 187 12.49 5.39 -2.47
N SER A 188 13.43 5.80 -3.29
CA SER A 188 14.26 6.94 -2.98
C SER A 188 14.72 7.58 -4.29
N PHE A 189 15.40 8.72 -4.18
CA PHE A 189 15.99 9.34 -5.38
C PHE A 189 16.86 8.33 -6.12
N GLN A 190 17.54 7.44 -5.39
CA GLN A 190 18.48 6.51 -6.02
C GLN A 190 17.76 5.39 -6.77
N SER A 191 16.61 4.92 -6.26
CA SER A 191 15.87 3.90 -7.02
C SER A 191 15.27 4.50 -8.29
N ASP A 192 14.91 5.78 -8.29
CA ASP A 192 14.56 6.46 -9.54
C ASP A 192 15.74 6.49 -10.51
N VAL A 193 16.93 6.82 -10.00
CA VAL A 193 18.13 6.78 -10.83
C VAL A 193 18.33 5.40 -11.46
N TYR A 194 18.15 4.32 -10.68
CA TYR A 194 18.34 2.98 -11.23
C TYR A 194 17.36 2.72 -12.37
N ALA A 195 16.09 3.05 -12.16
CA ALA A 195 15.11 2.88 -13.21
C ALA A 195 15.47 3.69 -14.45
N PHE A 196 16.02 4.89 -14.26
CA PHE A 196 16.56 5.66 -15.39
C PHE A 196 17.70 4.90 -16.05
N GLY A 197 18.59 4.30 -15.25
CA GLY A 197 19.62 3.45 -15.82
C GLY A 197 19.07 2.34 -16.68
N ILE A 198 17.88 1.83 -16.33
CA ILE A 198 17.28 0.76 -17.14
C ILE A 198 16.74 1.34 -18.45
N VAL A 199 16.18 2.55 -18.41
CA VAL A 199 15.68 3.15 -19.63
C VAL A 199 16.84 3.42 -20.59
N LEU A 200 17.96 3.93 -20.05
CA LEU A 200 19.21 4.04 -20.80
C LEU A 200 19.59 2.73 -21.44
N TYR A 201 19.48 1.63 -20.68
CA TYR A 201 19.82 0.33 -21.23
C TYR A 201 18.98 0.04 -22.46
N GLU A 202 17.69 0.33 -22.40
CA GLU A 202 16.87 0.01 -23.56
C GLU A 202 17.01 1.04 -24.68
N LEU A 203 17.43 2.27 -24.39
CA LEU A 203 17.75 3.19 -25.49
C LEU A 203 18.99 2.73 -26.23
N MET A 204 20.05 2.33 -25.51
CA MET A 204 21.36 2.04 -26.08
C MET A 204 21.51 0.61 -26.60
N THR A 205 20.71 -0.33 -26.10
CA THR A 205 20.61 -1.66 -26.67
C THR A 205 19.39 -1.81 -27.58
N GLY A 206 18.37 -0.99 -27.39
CA GLY A 206 17.09 -1.26 -28.00
C GLY A 206 16.44 -2.54 -27.52
N GLN A 207 16.78 -3.00 -26.31
CA GLN A 207 16.29 -4.28 -25.82
C GLN A 207 15.98 -4.19 -24.34
N LEU A 208 15.06 -5.01 -23.91
CA LEU A 208 14.79 -5.03 -22.48
C LEU A 208 15.87 -5.84 -21.78
N PRO A 209 16.16 -5.53 -20.52
CA PRO A 209 17.11 -6.36 -19.77
C PRO A 209 16.60 -7.79 -19.65
N TYR A 210 17.55 -8.70 -19.48
CA TYR A 210 17.25 -10.09 -19.18
C TYR A 210 16.32 -10.72 -20.21
N SER A 211 16.45 -10.32 -21.48
CA SER A 211 15.64 -10.90 -22.54
C SER A 211 15.75 -12.43 -22.55
N ASN A 212 16.97 -12.94 -22.35
CA ASN A 212 17.21 -14.37 -22.48
C ASN A 212 16.45 -15.17 -21.41
N ILE A 213 16.24 -14.57 -20.24
CA ILE A 213 15.81 -15.30 -19.06
C ILE A 213 14.31 -15.57 -19.07
N ASN A 214 13.50 -14.51 -19.04
CA ASN A 214 12.04 -14.60 -19.13
C ASN A 214 11.49 -15.51 -18.03
N ASN A 215 11.60 -15.02 -16.80
CA ASN A 215 10.97 -15.71 -15.66
C ASN A 215 10.98 -14.70 -14.51
N ARG A 216 9.82 -14.09 -14.24
CA ARG A 216 9.74 -13.01 -13.27
C ARG A 216 10.33 -13.43 -11.92
N ASP A 217 9.96 -14.62 -11.44
CA ASP A 217 10.45 -15.10 -10.15
C ASP A 217 11.97 -15.18 -10.16
N GLN A 218 12.53 -15.72 -11.23
CA GLN A 218 13.98 -15.81 -11.35
C GLN A 218 14.61 -14.43 -11.29
N ILE A 219 14.06 -13.48 -12.05
CA ILE A 219 14.60 -12.13 -12.11
C ILE A 219 14.44 -11.43 -10.76
N ILE A 220 13.26 -11.48 -10.17
CA ILE A 220 13.05 -10.97 -8.81
C ILE A 220 14.10 -11.53 -7.84
N GLU A 221 14.30 -12.86 -7.85
CA GLU A 221 15.22 -13.45 -6.89
C GLU A 221 16.67 -13.05 -7.17
N MET A 222 17.06 -13.03 -8.44
CA MET A 222 18.47 -12.86 -8.77
C MET A 222 18.89 -11.40 -8.72
N VAL A 223 18.02 -10.51 -9.20
CA VAL A 223 18.32 -9.08 -9.09
C VAL A 223 18.30 -8.66 -7.63
N GLY A 224 17.29 -9.09 -6.90
CA GLY A 224 17.21 -8.68 -5.50
C GLY A 224 18.45 -9.05 -4.70
N ARG A 225 19.13 -10.14 -5.07
CA ARG A 225 20.31 -10.59 -4.34
C ARG A 225 21.64 -10.23 -5.01
N GLY A 226 21.61 -9.63 -6.21
CA GLY A 226 22.81 -9.13 -6.83
C GLY A 226 23.56 -10.08 -7.73
N SER A 227 22.97 -11.24 -8.07
CA SER A 227 23.62 -12.17 -9.00
C SER A 227 23.33 -11.86 -10.47
N LEU A 228 22.31 -11.07 -10.75
CA LEU A 228 21.87 -10.82 -12.11
C LEU A 228 21.84 -9.32 -12.33
N SER A 229 22.40 -8.89 -13.46
CA SER A 229 22.53 -7.48 -13.82
C SER A 229 22.33 -7.35 -15.32
N PRO A 230 21.85 -6.20 -15.81
CA PRO A 230 21.65 -6.05 -17.26
C PRO A 230 22.94 -6.35 -18.00
N ASP A 231 22.82 -7.17 -19.04
CA ASP A 231 23.98 -7.55 -19.84
C ASP A 231 24.39 -6.36 -20.71
N LEU A 232 25.33 -5.57 -20.21
CA LEU A 232 25.81 -4.39 -20.91
C LEU A 232 26.58 -4.75 -22.17
N SER A 233 26.89 -6.02 -22.39
CA SER A 233 27.48 -6.47 -23.63
C SER A 233 26.63 -6.12 -24.84
N LYS A 234 25.39 -5.70 -24.63
CA LYS A 234 24.43 -5.53 -25.71
C LYS A 234 24.25 -4.08 -26.17
N VAL A 235 24.86 -3.10 -25.50
CA VAL A 235 24.74 -1.73 -25.99
C VAL A 235 25.33 -1.67 -27.39
N ARG A 236 24.68 -0.92 -28.27
CA ARG A 236 25.09 -0.98 -29.66
C ARG A 236 26.45 -0.31 -29.83
N SER A 237 27.05 -0.54 -31.00
CA SER A 237 28.45 -0.18 -31.22
C SER A 237 28.65 1.32 -31.24
N ASN A 238 27.75 2.04 -31.90
CA ASN A 238 27.86 3.50 -32.00
C ASN A 238 27.37 4.21 -30.75
N CYS A 239 27.21 3.47 -29.64
CA CYS A 239 26.79 4.07 -28.37
C CYS A 239 27.97 4.77 -27.71
N PRO A 240 27.87 6.07 -27.41
CA PRO A 240 28.99 6.75 -26.74
C PRO A 240 29.28 6.10 -25.41
N LYS A 241 30.50 5.57 -25.27
CA LYS A 241 30.83 4.84 -24.07
C LYS A 241 30.80 5.74 -22.83
N ARG A 242 30.84 7.06 -23.01
CA ARG A 242 30.69 7.97 -21.88
C ARG A 242 29.36 7.77 -21.18
N MET A 243 28.32 7.47 -21.94
CA MET A 243 27.04 7.21 -21.34
C MET A 243 26.77 5.73 -21.19
N LYS A 244 27.53 4.87 -21.88
CA LYS A 244 27.62 3.48 -21.43
C LYS A 244 28.18 3.41 -20.03
N ARG A 245 29.18 4.24 -19.73
CA ARG A 245 29.65 4.29 -18.35
C ARG A 245 28.64 4.98 -17.45
N LEU A 246 27.85 5.92 -17.98
CA LEU A 246 26.80 6.54 -17.18
C LEU A 246 25.72 5.51 -16.81
N MET A 247 25.19 4.82 -17.81
CA MET A 247 24.38 3.62 -17.59
C MET A 247 24.93 2.76 -16.47
N ALA A 248 26.21 2.37 -16.55
CA ALA A 248 26.77 1.46 -15.54
C ALA A 248 26.77 2.09 -14.15
N GLU A 249 26.86 3.42 -14.07
CA GLU A 249 26.87 4.08 -12.78
C GLU A 249 25.48 4.11 -12.17
N CYS A 250 24.46 4.42 -12.97
CA CYS A 250 23.09 4.41 -12.45
C CYS A 250 22.65 3.03 -11.96
N LEU A 251 23.19 1.96 -12.54
CA LEU A 251 22.75 0.59 -12.28
C LEU A 251 23.52 -0.07 -11.13
N LYS A 252 24.36 0.68 -10.43
CA LYS A 252 25.07 0.10 -9.30
C LYS A 252 24.07 -0.53 -8.36
N LYS A 253 24.32 -1.81 -8.03
CA LYS A 253 23.45 -2.53 -7.10
C LYS A 253 23.37 -1.83 -5.75
N LYS A 254 24.50 -1.33 -5.24
CA LYS A 254 24.50 -0.52 -4.01
C LYS A 254 23.93 0.85 -4.31
N ARG A 255 22.84 1.20 -3.63
CA ARG A 255 22.11 2.39 -4.05
C ARG A 255 22.90 3.67 -3.81
N ASP A 256 23.78 3.69 -2.81
CA ASP A 256 24.55 4.90 -2.55
C ASP A 256 25.70 5.08 -3.52
N GLU A 257 26.09 4.05 -4.26
CA GLU A 257 27.10 4.22 -5.30
C GLU A 257 26.53 4.85 -6.57
N ARG A 258 25.29 5.29 -6.54
CA ARG A 258 24.54 5.77 -7.69
C ARG A 258 24.58 7.29 -7.77
N PRO A 259 24.70 7.86 -8.97
CA PRO A 259 24.79 9.32 -9.11
C PRO A 259 23.43 10.00 -9.04
N SER A 260 23.47 11.27 -8.66
CA SER A 260 22.29 12.13 -8.62
C SER A 260 21.92 12.60 -10.03
N PHE A 261 20.71 13.13 -10.18
CA PHE A 261 20.31 13.61 -11.50
C PHE A 261 21.00 14.92 -11.87
N PRO A 262 21.23 15.85 -10.93
CA PRO A 262 22.01 17.04 -11.32
C PRO A 262 23.28 16.65 -12.03
N ARG A 263 23.97 15.62 -11.54
CA ARG A 263 25.20 15.13 -12.17
C ARG A 263 24.91 14.27 -13.39
N ILE A 264 23.83 13.48 -13.34
CA ILE A 264 23.44 12.69 -14.52
C ILE A 264 23.17 13.62 -15.69
N LEU A 265 22.36 14.66 -15.45
CA LEU A 265 21.98 15.59 -16.51
C LEU A 265 23.19 16.37 -17.04
N ALA A 266 23.94 17.04 -16.15
CA ALA A 266 25.12 17.77 -16.58
C ALA A 266 26.02 16.89 -17.43
N GLU A 267 26.14 15.62 -17.08
CA GLU A 267 26.97 14.70 -17.85
C GLU A 267 26.37 14.43 -19.21
N ILE A 268 25.12 13.97 -19.23
CA ILE A 268 24.50 13.58 -20.49
C ILE A 268 24.30 14.77 -21.42
N GLU A 269 24.26 15.99 -20.88
CA GLU A 269 24.18 17.16 -21.75
C GLU A 269 25.54 17.60 -22.27
N GLU A 270 26.62 17.19 -21.61
CA GLU A 270 27.93 17.58 -22.11
C GLU A 270 28.36 16.69 -23.28
N LEU A 271 27.97 15.41 -23.31
CA LEU A 271 28.32 14.59 -24.46
C LEU A 271 27.44 14.86 -25.67
N ALA A 272 26.25 15.43 -25.46
CA ALA A 272 25.42 15.77 -26.61
C ALA A 272 26.03 16.89 -27.44
N ARG A 273 26.84 17.76 -26.84
CA ARG A 273 27.55 18.76 -27.64
C ARG A 273 28.26 18.08 -28.81
N GLU A 274 28.99 17.00 -28.54
CA GLU A 274 29.56 16.19 -29.59
C GLU A 274 28.44 15.56 -30.42
N ALA A 275 28.19 16.13 -31.61
CA ALA A 275 27.12 15.68 -32.48
C ALA A 275 27.56 15.72 -33.94
N ASP B 2 -20.32 -19.03 -2.73
CA ASP B 2 -21.43 -18.54 -3.55
C ASP B 2 -22.72 -18.92 -2.86
N ASP B 3 -22.53 -19.64 -1.76
CA ASP B 3 -23.61 -20.08 -0.89
C ASP B 3 -24.06 -18.98 0.06
N TRP B 4 -23.16 -18.05 0.39
CA TRP B 4 -23.43 -16.95 1.31
C TRP B 4 -23.73 -15.61 0.62
N GLU B 5 -23.76 -15.58 -0.70
CA GLU B 5 -24.11 -14.35 -1.39
C GLU B 5 -25.52 -13.93 -1.01
N ILE B 6 -25.66 -12.68 -0.58
CA ILE B 6 -26.96 -12.12 -0.25
C ILE B 6 -27.57 -11.51 -1.50
N PRO B 7 -28.82 -11.82 -1.85
CA PRO B 7 -29.43 -11.16 -3.01
C PRO B 7 -29.64 -9.68 -2.73
N ASP B 8 -29.50 -8.89 -3.78
CA ASP B 8 -29.47 -7.46 -3.58
C ASP B 8 -30.90 -6.90 -3.57
N GLY B 9 -31.08 -5.85 -2.79
CA GLY B 9 -32.40 -5.36 -2.48
C GLY B 9 -32.97 -5.94 -1.22
N GLN B 10 -32.23 -6.80 -0.54
CA GLN B 10 -32.64 -7.32 0.76
C GLN B 10 -32.13 -6.43 1.87
N ILE B 11 -30.98 -5.80 1.69
CA ILE B 11 -30.37 -4.97 2.73
C ILE B 11 -30.79 -3.52 2.54
N THR B 12 -31.20 -2.88 3.61
CA THR B 12 -31.47 -1.44 3.64
C THR B 12 -30.29 -0.78 4.36
N VAL B 13 -29.35 -0.26 3.57
CA VAL B 13 -28.18 0.40 4.14
C VAL B 13 -28.59 1.61 4.95
N GLY B 14 -28.03 1.73 6.14
CA GLY B 14 -28.32 2.85 7.01
C GLY B 14 -27.19 3.83 7.16
N GLN B 15 -27.06 4.39 8.35
CA GLN B 15 -26.11 5.48 8.59
C GLN B 15 -24.68 4.98 8.54
N ARG B 16 -23.84 5.70 7.78
CA ARG B 16 -22.39 5.51 7.81
C ARG B 16 -21.84 5.56 9.24
N ILE B 17 -20.98 4.61 9.59
CA ILE B 17 -20.32 4.65 10.88
C ILE B 17 -18.84 4.97 10.76
N GLY B 18 -18.21 4.66 9.65
CA GLY B 18 -16.83 5.08 9.45
C GLY B 18 -16.30 4.64 8.11
N SER B 19 -15.17 5.25 7.73
CA SER B 19 -14.64 5.08 6.39
C SER B 19 -13.20 4.59 6.40
N GLY B 20 -12.49 4.85 5.31
CA GLY B 20 -11.16 4.31 5.10
C GLY B 20 -10.79 4.48 3.65
N SER B 21 -9.52 4.17 3.36
CA SER B 21 -9.05 4.21 1.98
C SER B 21 -9.71 3.13 1.13
N PHE B 22 -10.34 2.14 1.76
CA PHE B 22 -11.00 1.03 1.07
C PHE B 22 -12.44 1.35 0.70
N GLY B 23 -13.17 2.02 1.59
CA GLY B 23 -14.61 2.14 1.49
C GLY B 23 -15.26 2.58 2.80
N THR B 24 -16.43 2.04 3.12
CA THR B 24 -17.18 2.58 4.25
C THR B 24 -17.92 1.45 4.96
N VAL B 25 -18.04 1.57 6.27
CA VAL B 25 -18.88 0.70 7.06
C VAL B 25 -20.15 1.46 7.42
N TYR B 26 -21.31 0.86 7.12
CA TYR B 26 -22.61 1.39 7.47
C TYR B 26 -23.39 0.39 8.31
N LYS B 27 -24.20 0.92 9.22
CA LYS B 27 -25.21 0.10 9.85
C LYS B 27 -26.34 -0.18 8.87
N GLY B 28 -26.98 -1.34 9.02
CA GLY B 28 -27.96 -1.80 8.06
C GLY B 28 -29.07 -2.65 8.67
N LYS B 29 -30.05 -2.96 7.83
CA LYS B 29 -31.18 -3.80 8.21
C LYS B 29 -31.28 -4.99 7.27
N TRP B 30 -31.11 -6.19 7.85
CA TRP B 30 -31.20 -7.47 7.11
C TRP B 30 -31.52 -8.56 8.15
N HIS B 31 -32.77 -9.03 8.18
CA HIS B 31 -33.25 -9.94 9.22
C HIS B 31 -32.78 -9.47 10.59
N GLY B 32 -32.86 -8.16 10.82
CA GLY B 32 -32.32 -7.52 12.01
C GLY B 32 -31.18 -6.57 11.67
N ASP B 33 -30.37 -6.28 12.68
CA ASP B 33 -29.30 -5.31 12.57
C ASP B 33 -28.04 -5.98 12.03
N VAL B 34 -27.35 -5.28 11.13
CA VAL B 34 -26.12 -5.78 10.53
C VAL B 34 -25.16 -4.62 10.33
N ALA B 35 -23.89 -4.96 10.26
CA ALA B 35 -22.90 -4.01 9.78
C ALA B 35 -22.56 -4.41 8.34
N VAL B 36 -22.24 -3.42 7.52
CA VAL B 36 -22.02 -3.59 6.09
C VAL B 36 -20.72 -2.87 5.76
N LYS B 37 -19.71 -3.64 5.38
CA LYS B 37 -18.43 -3.10 4.94
C LYS B 37 -18.45 -3.08 3.42
N MET B 38 -18.40 -1.89 2.83
CA MET B 38 -18.48 -1.73 1.39
C MET B 38 -17.14 -1.32 0.81
N LEU B 39 -16.79 -1.93 -0.31
CA LEU B 39 -15.68 -1.50 -1.16
C LEU B 39 -16.25 -0.63 -2.27
N ASN B 40 -16.06 0.69 -2.17
CA ASN B 40 -16.73 1.57 -3.12
C ASN B 40 -16.01 1.59 -4.47
N VAL B 41 -15.36 0.48 -4.82
CA VAL B 41 -14.85 0.33 -6.18
C VAL B 41 -16.01 0.45 -7.15
N THR B 42 -15.85 1.30 -8.16
CA THR B 42 -16.94 1.48 -9.13
C THR B 42 -17.11 0.23 -9.97
N ALA B 43 -16.03 -0.25 -10.56
CA ALA B 43 -16.07 -1.39 -11.47
C ALA B 43 -14.92 -2.32 -11.12
N PRO B 44 -15.11 -3.20 -10.14
CA PRO B 44 -13.98 -4.04 -9.71
C PRO B 44 -13.45 -4.87 -10.87
N THR B 45 -12.11 -5.02 -10.91
CA THR B 45 -11.47 -5.84 -11.92
C THR B 45 -11.69 -7.32 -11.62
N PRO B 46 -11.55 -8.19 -12.62
CA PRO B 46 -11.59 -9.64 -12.31
C PRO B 46 -10.63 -10.04 -11.20
N GLN B 47 -9.44 -9.41 -11.14
CA GLN B 47 -8.48 -9.74 -10.09
C GLN B 47 -8.92 -9.21 -8.73
N GLN B 48 -9.54 -8.02 -8.71
CA GLN B 48 -10.09 -7.50 -7.48
C GLN B 48 -11.21 -8.37 -6.97
N LEU B 49 -12.02 -8.88 -7.90
CA LEU B 49 -13.11 -9.77 -7.52
C LEU B 49 -12.57 -11.07 -6.93
N GLN B 50 -11.53 -11.64 -7.56
CA GLN B 50 -10.92 -12.85 -7.03
C GLN B 50 -10.37 -12.62 -5.63
N ALA B 51 -9.67 -11.51 -5.41
CA ALA B 51 -9.08 -11.25 -4.10
C ALA B 51 -10.17 -11.06 -3.05
N PHE B 52 -11.30 -10.51 -3.46
CA PHE B 52 -12.45 -10.39 -2.56
C PHE B 52 -13.01 -11.76 -2.20
N LYS B 53 -13.21 -12.62 -3.20
CA LYS B 53 -13.63 -13.99 -2.92
C LYS B 53 -12.69 -14.67 -1.92
N ASN B 54 -11.38 -14.40 -2.00
CA ASN B 54 -10.44 -15.07 -1.11
C ASN B 54 -10.57 -14.56 0.32
N GLU B 55 -10.80 -13.27 0.51
CA GLU B 55 -11.04 -12.75 1.85
C GLU B 55 -12.32 -13.32 2.43
N VAL B 56 -13.37 -13.36 1.61
CA VAL B 56 -14.59 -14.04 2.03
C VAL B 56 -14.31 -15.51 2.33
N GLY B 57 -13.42 -16.12 1.54
CA GLY B 57 -12.96 -17.46 1.86
C GLY B 57 -12.40 -17.55 3.27
N VAL B 58 -11.57 -16.59 3.67
CA VAL B 58 -11.03 -16.60 5.03
C VAL B 58 -12.15 -16.45 6.05
N LEU B 59 -13.00 -15.42 5.89
CA LEU B 59 -14.02 -15.11 6.89
C LEU B 59 -15.01 -16.26 7.07
N ARG B 60 -15.39 -16.92 5.99
CA ARG B 60 -16.43 -17.92 6.13
C ARG B 60 -15.94 -19.13 6.91
N LYS B 61 -14.66 -19.24 7.23
CA LYS B 61 -14.22 -20.37 8.03
C LYS B 61 -14.12 -20.05 9.51
N THR B 62 -14.70 -18.94 9.94
CA THR B 62 -14.70 -18.61 11.35
C THR B 62 -16.10 -18.75 11.93
N ARG B 63 -16.17 -19.37 13.11
CA ARG B 63 -17.46 -19.63 13.78
C ARG B 63 -17.13 -19.75 15.27
N HIS B 64 -17.17 -18.61 15.95
CA HIS B 64 -16.75 -18.51 17.34
C HIS B 64 -17.32 -17.21 17.90
N VAL B 65 -17.75 -17.25 19.17
CA VAL B 65 -18.49 -16.14 19.78
C VAL B 65 -17.65 -14.86 19.92
N ASN B 66 -16.34 -14.97 19.96
CA ASN B 66 -15.50 -13.81 20.15
C ASN B 66 -14.88 -13.35 18.84
N ILE B 67 -15.30 -13.92 17.72
CA ILE B 67 -14.96 -13.42 16.40
C ILE B 67 -16.21 -12.76 15.81
N LEU B 68 -16.07 -11.55 15.32
CA LEU B 68 -17.18 -10.90 14.64
C LEU B 68 -17.75 -11.86 13.62
N LEU B 69 -19.08 -11.99 13.63
CA LEU B 69 -19.75 -13.02 12.84
C LEU B 69 -19.89 -12.55 11.39
N PHE B 70 -19.19 -13.23 10.49
CA PHE B 70 -19.52 -13.13 9.08
C PHE B 70 -20.92 -13.66 8.83
N MET B 71 -21.73 -12.87 8.15
CA MET B 71 -23.08 -13.27 7.80
C MET B 71 -23.30 -13.44 6.31
N GLY B 72 -22.50 -12.80 5.47
CA GLY B 72 -22.74 -12.83 4.04
C GLY B 72 -21.91 -11.80 3.32
N TYR B 73 -22.02 -11.83 2.00
CA TYR B 73 -21.28 -10.95 1.13
C TYR B 73 -22.12 -10.67 -0.10
N SER B 74 -21.91 -9.50 -0.67
CA SER B 74 -22.48 -9.12 -1.94
C SER B 74 -21.35 -8.81 -2.91
N THR B 75 -21.67 -8.90 -4.19
CA THR B 75 -20.78 -8.39 -5.22
C THR B 75 -21.52 -7.64 -6.31
N LYS B 76 -22.84 -7.52 -6.22
CA LYS B 76 -23.63 -7.09 -7.37
C LYS B 76 -23.37 -5.61 -7.66
N PRO B 77 -23.83 -4.68 -6.82
CA PRO B 77 -23.52 -3.26 -7.08
C PRO B 77 -22.08 -2.97 -6.72
N GLN B 78 -21.77 -3.03 -5.43
CA GLN B 78 -20.41 -2.90 -4.94
C GLN B 78 -20.02 -4.13 -4.14
N LEU B 79 -18.72 -4.34 -4.02
CA LEU B 79 -18.23 -5.42 -3.18
C LEU B 79 -18.55 -5.10 -1.73
N ALA B 80 -19.12 -6.09 -1.03
CA ALA B 80 -19.62 -5.85 0.31
C ALA B 80 -19.52 -7.12 1.17
N ILE B 81 -19.24 -6.91 2.45
CA ILE B 81 -19.16 -7.95 3.46
C ILE B 81 -20.17 -7.60 4.55
N VAL B 82 -20.96 -8.59 4.97
CA VAL B 82 -22.05 -8.36 5.91
C VAL B 82 -21.76 -9.12 7.18
N THR B 83 -21.80 -8.42 8.30
CA THR B 83 -21.50 -9.04 9.58
C THR B 83 -22.60 -8.70 10.57
N GLN B 84 -22.64 -9.46 11.65
CA GLN B 84 -23.51 -9.06 12.75
C GLN B 84 -23.26 -7.61 13.17
N TRP B 85 -24.23 -7.01 13.85
CA TRP B 85 -24.11 -5.66 14.36
C TRP B 85 -23.75 -5.69 15.85
N CYS B 86 -22.67 -5.02 16.23
CA CYS B 86 -22.31 -4.87 17.64
C CYS B 86 -22.92 -3.61 18.23
N GLU B 87 -23.59 -3.76 19.37
CA GLU B 87 -24.02 -2.64 20.18
C GLU B 87 -22.90 -2.30 21.17
N GLY B 88 -22.77 -1.01 21.46
CA GLY B 88 -21.70 -0.60 22.35
C GLY B 88 -20.55 0.02 21.60
N SER B 89 -19.36 -0.02 22.17
CA SER B 89 -18.21 0.64 21.57
C SER B 89 -17.04 -0.31 21.54
N SER B 90 -16.04 0.08 20.76
CA SER B 90 -14.71 -0.50 20.80
C SER B 90 -14.13 -0.52 22.22
N LEU B 91 -13.27 -1.51 22.47
CA LEU B 91 -12.50 -1.53 23.71
C LEU B 91 -11.60 -0.31 23.82
N TYR B 92 -11.05 0.17 22.69
CA TYR B 92 -10.27 1.39 22.72
C TYR B 92 -11.09 2.54 23.29
N HIS B 93 -12.31 2.71 22.80
CA HIS B 93 -13.12 3.82 23.27
C HIS B 93 -13.36 3.72 24.77
N HIS B 94 -13.65 2.52 25.27
CA HIS B 94 -13.89 2.33 26.70
C HIS B 94 -12.65 2.70 27.51
N LEU B 95 -11.50 2.17 27.13
CA LEU B 95 -10.30 2.35 27.94
C LEU B 95 -9.78 3.78 27.89
N HIS B 96 -9.88 4.41 26.73
CA HIS B 96 -9.14 5.64 26.49
C HIS B 96 -10.01 6.87 26.32
N ALA B 97 -11.23 6.75 25.81
CA ALA B 97 -12.04 7.92 25.51
C ALA B 97 -13.37 7.90 26.25
N SER B 98 -13.44 7.26 27.42
CA SER B 98 -14.71 7.14 28.12
C SER B 98 -14.55 7.44 29.61
N GLU B 99 -15.58 8.05 30.20
CA GLU B 99 -15.55 8.33 31.63
C GLU B 99 -15.50 7.04 32.43
N THR B 100 -16.45 6.15 32.20
CA THR B 100 -16.55 4.91 32.95
C THR B 100 -15.38 3.97 32.65
N LYS B 101 -14.73 3.48 33.71
CA LYS B 101 -13.66 2.50 33.63
C LYS B 101 -14.16 1.16 34.17
N PHE B 102 -13.34 0.14 33.95
CA PHE B 102 -13.72 -1.25 34.22
C PHE B 102 -13.10 -1.75 35.51
N GLU B 103 -13.87 -2.56 36.25
CA GLU B 103 -13.29 -3.29 37.37
C GLU B 103 -12.22 -4.25 36.86
N MET B 104 -11.29 -4.62 37.74
CA MET B 104 -10.25 -5.59 37.36
C MET B 104 -10.88 -6.89 36.85
N LYS B 105 -11.88 -7.42 37.57
CA LYS B 105 -12.50 -8.67 37.16
C LYS B 105 -13.04 -8.61 35.75
N LYS B 106 -13.55 -7.44 35.33
CA LYS B 106 -14.01 -7.26 33.95
C LYS B 106 -12.85 -7.20 32.98
N LEU B 107 -11.77 -6.51 33.36
CA LEU B 107 -10.61 -6.42 32.49
C LEU B 107 -10.03 -7.79 32.21
N ILE B 108 -9.94 -8.63 33.23
CA ILE B 108 -9.42 -9.98 33.04
C ILE B 108 -10.39 -10.80 32.20
N ASP B 109 -11.69 -10.62 32.41
CA ASP B 109 -12.66 -11.29 31.57
C ASP B 109 -12.53 -10.86 30.11
N ILE B 110 -12.32 -9.56 29.86
CA ILE B 110 -12.08 -9.10 28.49
C ILE B 110 -10.81 -9.72 27.94
N ALA B 111 -9.73 -9.73 28.74
CA ALA B 111 -8.52 -10.37 28.27
C ALA B 111 -8.78 -11.84 27.93
N ARG B 112 -9.55 -12.54 28.77
CA ARG B 112 -9.87 -13.94 28.53
C ARG B 112 -10.65 -14.13 27.23
N GLN B 113 -11.67 -13.31 27.01
CA GLN B 113 -12.45 -13.48 25.79
C GLN B 113 -11.59 -13.29 24.55
N THR B 114 -10.69 -12.30 24.55
CA THR B 114 -9.95 -12.06 23.33
C THR B 114 -8.86 -13.10 23.13
N ALA B 115 -8.35 -13.70 24.20
CA ALA B 115 -7.47 -14.86 24.03
C ALA B 115 -8.22 -16.06 23.43
N ARG B 116 -9.47 -16.29 23.84
CA ARG B 116 -10.28 -17.35 23.23
C ARG B 116 -10.42 -17.14 21.73
N GLY B 117 -10.81 -15.93 21.32
CA GLY B 117 -10.93 -15.64 19.90
C GLY B 117 -9.63 -15.85 19.16
N MET B 118 -8.54 -15.28 19.68
CA MET B 118 -7.24 -15.39 19.01
C MET B 118 -6.75 -16.83 19.01
N ASP B 119 -7.01 -17.58 20.10
CA ASP B 119 -6.66 -19.00 20.14
C ASP B 119 -7.42 -19.74 19.07
N TYR B 120 -8.70 -19.43 18.94
CA TYR B 120 -9.52 -19.99 17.88
C TYR B 120 -8.96 -19.66 16.50
N LEU B 121 -8.58 -18.39 16.27
CA LEU B 121 -8.06 -18.00 14.95
C LEU B 121 -6.80 -18.82 14.61
N HIS B 122 -5.86 -18.90 15.54
CA HIS B 122 -4.60 -19.57 15.22
C HIS B 122 -4.81 -21.07 15.07
N ALA B 123 -5.69 -21.66 15.92
CA ALA B 123 -6.09 -23.05 15.71
C ALA B 123 -6.51 -23.26 14.28
N LYS B 124 -7.20 -22.27 13.71
CA LYS B 124 -7.62 -22.35 12.32
C LYS B 124 -6.63 -21.66 11.37
N SER B 125 -5.38 -21.44 11.80
CA SER B 125 -4.31 -20.93 10.91
C SER B 125 -4.63 -19.58 10.28
N ILE B 126 -5.34 -18.73 11.01
CA ILE B 126 -5.63 -17.39 10.57
C ILE B 126 -4.85 -16.44 11.46
N ILE B 127 -4.08 -15.55 10.84
CA ILE B 127 -3.37 -14.49 11.53
C ILE B 127 -4.21 -13.23 11.43
N HIS B 128 -4.39 -12.53 12.55
CA HIS B 128 -5.23 -11.34 12.51
C HIS B 128 -4.50 -10.19 11.82
N ARG B 129 -3.26 -9.91 12.23
CA ARG B 129 -2.34 -8.94 11.63
C ARG B 129 -2.61 -7.52 12.06
N ASP B 130 -3.69 -7.23 12.78
CA ASP B 130 -3.97 -5.86 13.20
C ASP B 130 -4.76 -5.88 14.48
N LEU B 131 -4.41 -6.78 15.41
CA LEU B 131 -5.10 -6.82 16.68
C LEU B 131 -4.74 -5.60 17.50
N LYS B 132 -5.74 -4.77 17.80
CA LYS B 132 -5.57 -3.63 18.69
C LYS B 132 -6.92 -3.35 19.37
N SER B 133 -6.87 -2.60 20.48
CA SER B 133 -8.09 -2.37 21.24
C SER B 133 -9.16 -1.66 20.42
N ASN B 134 -8.77 -0.94 19.37
CA ASN B 134 -9.77 -0.34 18.49
C ASN B 134 -10.51 -1.36 17.67
N ASN B 135 -9.95 -2.57 17.51
CA ASN B 135 -10.56 -3.61 16.70
C ASN B 135 -11.23 -4.69 17.55
N ILE B 136 -11.45 -4.42 18.83
CA ILE B 136 -12.10 -5.33 19.74
C ILE B 136 -13.40 -4.63 20.14
N PHE B 137 -14.52 -5.08 19.56
CA PHE B 137 -15.81 -4.46 19.84
C PHE B 137 -16.44 -5.08 21.08
N LEU B 138 -16.88 -4.25 22.01
CA LEU B 138 -17.54 -4.74 23.22
C LEU B 138 -19.05 -4.77 22.98
N HIS B 139 -19.52 -5.88 22.40
CA HIS B 139 -20.92 -6.04 22.05
C HIS B 139 -21.76 -6.12 23.32
N GLU B 140 -22.81 -5.30 23.39
CA GLU B 140 -23.62 -5.18 24.62
C GLU B 140 -22.76 -4.88 25.84
N ASP B 141 -21.52 -4.45 25.60
CA ASP B 141 -20.60 -4.05 26.65
C ASP B 141 -20.24 -5.20 27.58
N ASN B 142 -20.42 -6.45 27.14
CA ASN B 142 -19.82 -7.57 27.85
C ASN B 142 -19.20 -8.65 26.98
N THR B 143 -19.43 -8.69 25.66
CA THR B 143 -18.92 -9.73 24.78
C THR B 143 -17.88 -9.16 23.81
N VAL B 144 -16.65 -9.70 23.87
CA VAL B 144 -15.62 -9.31 22.92
C VAL B 144 -15.95 -9.88 21.54
N LYS B 145 -15.84 -9.04 20.53
CA LYS B 145 -15.90 -9.48 19.13
C LYS B 145 -14.64 -8.93 18.47
N ILE B 146 -13.72 -9.83 18.13
CA ILE B 146 -12.55 -9.40 17.40
C ILE B 146 -12.94 -9.18 15.95
N GLY B 147 -12.66 -8.00 15.44
CA GLY B 147 -12.88 -7.71 14.04
C GLY B 147 -11.79 -6.87 13.38
N ASP B 148 -12.07 -6.39 12.18
CA ASP B 148 -11.15 -5.56 11.39
C ASP B 148 -9.82 -6.26 11.19
N PHE B 149 -9.87 -7.37 10.46
CA PHE B 149 -8.64 -8.11 10.18
C PHE B 149 -7.68 -7.23 9.38
N GLY B 150 -6.42 -7.25 9.79
CA GLY B 150 -5.39 -6.54 9.07
C GLY B 150 -5.28 -7.03 7.64
N LEU B 151 -4.58 -6.24 6.84
CA LEU B 151 -4.44 -6.53 5.41
C LEU B 151 -3.27 -7.49 5.21
N ALA B 152 -3.57 -8.66 4.65
CA ALA B 152 -2.56 -9.66 4.34
C ALA B 152 -1.72 -9.20 3.15
N THR B 153 -0.40 -9.50 3.19
CA THR B 153 0.49 -9.04 2.14
C THR B 153 0.54 -10.00 0.94
N GLU B 154 0.01 -11.21 1.10
CA GLU B 154 0.17 -12.23 0.07
C GLU B 154 -0.50 -11.83 -1.24
N LYS B 155 0.03 -12.35 -2.34
CA LYS B 155 -0.47 -12.06 -3.69
C LYS B 155 -1.88 -12.72 -3.99
N SER B 156 -2.48 -13.39 -3.01
CA SER B 156 -3.80 -13.99 -3.18
C SER B 156 -4.88 -13.27 -2.39
N ARG B 157 -4.52 -12.20 -1.66
CA ARG B 157 -5.44 -11.46 -0.81
C ARG B 157 -5.65 -10.05 -1.38
N TRP B 158 -6.31 -9.20 -0.60
CA TRP B 158 -6.76 -7.90 -1.11
C TRP B 158 -5.60 -6.98 -1.44
N SER B 159 -4.80 -6.61 -0.45
CA SER B 159 -3.73 -5.63 -0.69
C SER B 159 -2.68 -6.19 -1.63
N GLY B 160 -2.24 -7.43 -1.38
CA GLY B 160 -1.20 -8.01 -2.20
C GLY B 160 -1.56 -8.07 -3.67
N SER B 161 -2.87 -8.19 -3.97
CA SER B 161 -3.33 -8.20 -5.36
C SER B 161 -3.16 -6.83 -6.02
N HIS B 162 -3.31 -5.75 -5.26
CA HIS B 162 -3.09 -4.43 -5.81
C HIS B 162 -1.62 -4.06 -5.81
N GLN B 163 -0.87 -4.52 -4.80
CA GLN B 163 0.57 -4.35 -4.78
C GLN B 163 1.23 -5.12 -5.92
N PHE B 164 0.78 -6.35 -6.14
CA PHE B 164 1.33 -7.18 -7.22
C PHE B 164 0.80 -6.80 -8.59
N GLU B 165 -0.34 -6.10 -8.66
CA GLU B 165 -0.90 -5.73 -9.96
C GLU B 165 -0.30 -4.43 -10.49
N GLN B 166 -0.07 -3.45 -9.60
CA GLN B 166 0.45 -2.14 -9.99
C GLN B 166 1.96 -2.12 -10.12
N LEU B 167 2.65 -3.19 -9.73
CA LEU B 167 4.07 -3.32 -9.91
C LEU B 167 4.42 -4.58 -10.71
N SER B 168 3.43 -5.30 -11.22
CA SER B 168 3.71 -6.49 -12.03
C SER B 168 4.59 -6.14 -13.22
N GLY B 169 4.23 -5.10 -13.95
CA GLY B 169 4.93 -4.79 -15.18
C GLY B 169 6.08 -3.82 -14.98
N SER B 170 6.51 -3.63 -13.74
CA SER B 170 7.56 -2.67 -13.45
C SER B 170 8.83 -3.31 -12.92
N ILE B 171 8.91 -4.64 -12.83
CA ILE B 171 10.03 -5.20 -12.10
C ILE B 171 11.32 -4.99 -12.87
N LEU B 172 11.27 -5.00 -14.21
CA LEU B 172 12.51 -4.88 -14.95
C LEU B 172 13.27 -3.60 -14.59
N TRP B 173 12.59 -2.59 -14.04
CA TRP B 173 13.18 -1.30 -13.71
C TRP B 173 13.44 -1.13 -12.22
N MET B 174 13.25 -2.18 -11.43
CA MET B 174 13.28 -2.10 -9.98
C MET B 174 14.71 -2.23 -9.45
N ALA B 175 15.20 -1.18 -8.78
CA ALA B 175 16.46 -1.29 -8.05
C ALA B 175 16.43 -2.53 -7.17
N PRO B 176 17.55 -3.23 -7.00
CA PRO B 176 17.57 -4.40 -6.11
C PRO B 176 16.94 -4.15 -4.76
N GLU B 177 17.13 -2.95 -4.18
CA GLU B 177 16.62 -2.69 -2.85
C GLU B 177 15.11 -2.58 -2.85
N VAL B 178 14.52 -2.22 -3.99
CA VAL B 178 13.07 -2.22 -4.06
C VAL B 178 12.54 -3.62 -4.30
N ILE B 179 13.21 -4.40 -5.16
CA ILE B 179 12.85 -5.80 -5.34
C ILE B 179 12.77 -6.50 -3.98
N ARG B 180 13.88 -6.47 -3.22
CA ARG B 180 13.94 -7.20 -1.96
C ARG B 180 12.76 -6.89 -1.05
N MET B 181 12.25 -5.65 -1.11
CA MET B 181 11.15 -5.25 -0.26
C MET B 181 9.78 -5.68 -0.80
N GLN B 182 9.72 -6.12 -2.05
CA GLN B 182 8.45 -6.52 -2.65
C GLN B 182 7.77 -7.61 -1.82
N ASP B 183 8.39 -8.79 -1.77
CA ASP B 183 7.91 -9.90 -0.94
C ASP B 183 8.54 -9.77 0.44
N SER B 184 7.71 -9.48 1.44
CA SER B 184 8.24 -9.24 2.79
C SER B 184 7.55 -10.09 3.83
N ASN B 185 6.39 -9.63 4.30
CA ASN B 185 5.60 -10.31 5.33
C ASN B 185 6.33 -10.53 6.65
N PRO B 186 6.25 -9.55 7.56
CA PRO B 186 6.67 -9.79 8.94
C PRO B 186 5.61 -10.46 9.83
N TYR B 187 4.41 -10.73 9.33
CA TYR B 187 3.31 -11.19 10.19
C TYR B 187 3.39 -12.69 10.46
N SER B 188 3.16 -13.08 11.72
CA SER B 188 3.17 -14.49 12.14
C SER B 188 2.11 -14.70 13.21
N PHE B 189 2.04 -15.92 13.75
CA PHE B 189 1.28 -16.10 14.98
C PHE B 189 1.92 -15.31 16.11
N GLN B 190 3.26 -15.32 16.16
CA GLN B 190 3.98 -14.66 17.25
C GLN B 190 3.78 -13.15 17.22
N SER B 191 3.66 -12.57 16.03
CA SER B 191 3.39 -11.14 15.93
C SER B 191 2.00 -10.81 16.45
N ASP B 192 1.01 -11.61 16.10
CA ASP B 192 -0.30 -11.57 16.74
C ASP B 192 -0.18 -11.65 18.26
N VAL B 193 0.61 -12.59 18.78
CA VAL B 193 0.76 -12.71 20.23
C VAL B 193 1.28 -11.40 20.82
N TYR B 194 2.21 -10.73 20.12
CA TYR B 194 2.79 -9.47 20.61
C TYR B 194 1.71 -8.40 20.73
N ALA B 195 0.95 -8.20 19.65
CA ALA B 195 -0.15 -7.24 19.70
C ALA B 195 -1.03 -7.52 20.89
N PHE B 196 -1.28 -8.80 21.15
CA PHE B 196 -2.10 -9.19 22.30
C PHE B 196 -1.48 -8.73 23.61
N GLY B 197 -0.16 -8.83 23.73
CA GLY B 197 0.52 -8.25 24.89
C GLY B 197 0.25 -6.76 25.05
N ILE B 198 0.23 -6.03 23.93
CA ILE B 198 -0.12 -4.61 24.00
C ILE B 198 -1.57 -4.45 24.42
N VAL B 199 -2.45 -5.32 23.94
CA VAL B 199 -3.85 -5.20 24.36
C VAL B 199 -3.95 -5.47 25.85
N LEU B 200 -3.16 -6.42 26.36
CA LEU B 200 -3.09 -6.62 27.80
C LEU B 200 -2.54 -5.38 28.49
N TYR B 201 -1.53 -4.74 27.90
CA TYR B 201 -0.95 -3.57 28.53
C TYR B 201 -2.00 -2.48 28.75
N GLU B 202 -2.87 -2.27 27.76
CA GLU B 202 -3.92 -1.27 27.91
C GLU B 202 -4.92 -1.69 28.98
N LEU B 203 -5.36 -2.95 28.96
CA LEU B 203 -6.29 -3.43 29.98
C LEU B 203 -5.73 -3.19 31.38
N MET B 204 -4.47 -3.58 31.61
CA MET B 204 -3.92 -3.63 32.96
C MET B 204 -3.33 -2.30 33.43
N THR B 205 -3.07 -1.35 32.53
CA THR B 205 -2.66 0.01 32.91
C THR B 205 -3.72 1.07 32.68
N GLY B 206 -4.59 0.88 31.69
CA GLY B 206 -5.56 1.89 31.34
C GLY B 206 -5.05 2.92 30.36
N GLN B 207 -3.92 2.65 29.69
CA GLN B 207 -3.19 3.62 28.89
C GLN B 207 -2.61 2.94 27.65
N LEU B 208 -2.18 3.71 26.79
CA LEU B 208 -1.45 3.24 25.62
C LEU B 208 0.06 3.29 25.86
N PRO B 209 0.83 2.33 25.35
CA PRO B 209 2.27 2.32 25.60
C PRO B 209 2.95 3.57 25.07
N TYR B 210 4.13 3.86 25.65
CA TYR B 210 5.02 4.91 25.20
C TYR B 210 4.35 6.27 25.25
N SER B 211 3.28 6.38 26.02
CA SER B 211 2.71 7.69 26.32
C SER B 211 3.74 8.47 27.09
N ASN B 212 4.69 9.05 26.34
CA ASN B 212 5.90 9.70 26.83
C ASN B 212 6.86 9.81 25.65
N ILE B 213 6.42 9.28 24.51
CA ILE B 213 7.17 9.34 23.27
C ILE B 213 6.19 9.79 22.20
N ASN B 214 6.10 11.10 21.98
CA ASN B 214 5.15 11.65 21.02
C ASN B 214 5.72 11.75 19.61
N ASN B 215 6.56 10.79 19.20
CA ASN B 215 7.17 10.85 17.88
C ASN B 215 7.10 9.48 17.24
N ARG B 216 6.25 9.36 16.22
CA ARG B 216 6.09 8.14 15.45
C ARG B 216 7.45 7.58 15.04
N ASP B 217 8.43 8.47 14.87
CA ASP B 217 9.71 8.04 14.33
C ASP B 217 10.65 7.43 15.38
N GLN B 218 10.66 7.94 16.62
CA GLN B 218 11.55 7.31 17.60
C GLN B 218 10.96 6.01 18.14
N ILE B 219 9.63 5.95 18.31
CA ILE B 219 8.97 4.68 18.62
C ILE B 219 9.43 3.62 17.63
N ILE B 220 9.34 3.94 16.34
CA ILE B 220 9.70 3.00 15.29
C ILE B 220 11.15 2.58 15.44
N GLU B 221 12.03 3.55 15.72
CA GLU B 221 13.45 3.24 15.83
C GLU B 221 13.76 2.51 17.13
N MET B 222 13.18 2.98 18.24
CA MET B 222 13.54 2.40 19.53
C MET B 222 12.91 1.01 19.73
N VAL B 223 11.61 0.87 19.44
CA VAL B 223 10.98 -0.45 19.52
C VAL B 223 11.55 -1.38 18.45
N GLY B 224 11.73 -0.88 17.24
CA GLY B 224 12.37 -1.70 16.21
C GLY B 224 13.79 -2.07 16.58
N ARG B 225 14.58 -1.07 17.02
CA ARG B 225 15.99 -1.29 17.33
C ARG B 225 16.17 -2.29 18.45
N GLY B 226 15.21 -2.39 19.36
CA GLY B 226 15.20 -3.38 20.42
C GLY B 226 15.45 -2.87 21.82
N SER B 227 15.44 -1.55 22.05
CA SER B 227 15.75 -1.03 23.37
C SER B 227 14.53 -0.49 24.11
N LEU B 228 13.37 -0.41 23.47
CA LEU B 228 12.20 0.22 24.05
C LEU B 228 11.06 -0.79 24.07
N SER B 229 10.49 -1.00 25.26
CA SER B 229 9.30 -1.81 25.49
C SER B 229 8.45 -1.11 26.52
N PRO B 230 7.18 -1.48 26.64
CA PRO B 230 6.25 -0.76 27.52
C PRO B 230 6.68 -0.76 28.99
N ASP B 231 6.17 0.23 29.74
CA ASP B 231 6.51 0.44 31.16
C ASP B 231 5.57 -0.39 32.01
N LEU B 232 6.09 -1.51 32.53
CA LEU B 232 5.20 -2.42 33.22
C LEU B 232 4.89 -1.95 34.65
N SER B 233 5.69 -1.05 35.21
CA SER B 233 5.36 -0.50 36.50
C SER B 233 4.14 0.42 36.45
N LYS B 234 3.57 0.65 35.26
CA LYS B 234 2.29 1.32 35.09
C LYS B 234 1.08 0.42 35.34
N VAL B 235 1.26 -0.89 35.55
CA VAL B 235 0.09 -1.73 35.79
C VAL B 235 -0.55 -1.32 37.09
N ARG B 236 -1.87 -1.45 37.14
CA ARG B 236 -2.63 -1.01 38.29
C ARG B 236 -2.23 -1.81 39.54
N SER B 237 -2.61 -1.27 40.69
CA SER B 237 -2.34 -1.92 41.97
C SER B 237 -2.79 -3.38 41.97
N ASN B 238 -4.03 -3.62 41.54
CA ASN B 238 -4.66 -4.93 41.72
C ASN B 238 -4.49 -5.84 40.51
N CYS B 239 -3.68 -5.44 39.55
CA CYS B 239 -3.31 -6.36 38.49
C CYS B 239 -2.59 -7.57 39.12
N PRO B 240 -3.03 -8.80 38.84
CA PRO B 240 -2.33 -9.97 39.39
C PRO B 240 -0.93 -10.10 38.81
N LYS B 241 0.04 -10.34 39.70
CA LYS B 241 1.41 -10.52 39.24
C LYS B 241 1.54 -11.61 38.18
N ARG B 242 0.62 -12.56 38.19
CA ARG B 242 0.55 -13.56 37.13
C ARG B 242 0.17 -12.95 35.79
N MET B 243 -0.66 -11.90 35.83
CA MET B 243 -1.04 -11.24 34.59
C MET B 243 0.13 -10.45 34.04
N LYS B 244 0.88 -9.78 34.94
CA LYS B 244 2.09 -9.04 34.58
C LYS B 244 3.14 -9.95 33.94
N ARG B 245 3.40 -11.10 34.58
CA ARG B 245 4.35 -12.06 34.02
C ARG B 245 3.93 -12.52 32.63
N LEU B 246 2.67 -12.94 32.47
CA LEU B 246 2.14 -13.30 31.16
C LEU B 246 2.39 -12.19 30.13
N MET B 247 2.01 -10.94 30.46
CA MET B 247 2.32 -9.77 29.65
C MET B 247 3.75 -9.73 29.16
N ALA B 248 4.72 -9.72 30.08
CA ALA B 248 6.11 -9.61 29.66
C ALA B 248 6.51 -10.71 28.67
N GLU B 249 5.92 -11.90 28.82
CA GLU B 249 6.24 -13.00 27.92
C GLU B 249 5.71 -12.75 26.51
N CYS B 250 4.47 -12.27 26.37
CA CYS B 250 3.94 -12.02 25.03
C CYS B 250 4.69 -10.89 24.33
N LEU B 251 5.28 -9.95 25.10
CA LEU B 251 5.97 -8.78 24.58
C LEU B 251 7.46 -8.99 24.29
N LYS B 252 7.98 -10.20 24.46
CA LYS B 252 9.40 -10.40 24.23
C LYS B 252 9.78 -9.92 22.84
N LYS B 253 10.95 -9.26 22.76
CA LYS B 253 11.38 -8.66 21.50
C LYS B 253 11.69 -9.72 20.47
N LYS B 254 12.38 -10.80 20.87
CA LYS B 254 12.72 -11.85 19.93
C LYS B 254 11.47 -12.70 19.67
N ARG B 255 11.08 -12.79 18.39
CA ARG B 255 9.76 -13.30 18.05
C ARG B 255 9.57 -14.74 18.51
N ASP B 256 10.52 -15.60 18.23
CA ASP B 256 10.27 -16.98 18.60
C ASP B 256 10.31 -17.23 20.15
N GLU B 257 10.32 -16.21 21.00
CA GLU B 257 10.33 -16.37 22.44
C GLU B 257 8.96 -16.12 23.08
N ARG B 258 8.00 -15.66 22.33
CA ARG B 258 6.66 -15.46 22.89
C ARG B 258 5.93 -16.80 23.01
N PRO B 259 4.95 -16.87 23.90
CA PRO B 259 4.13 -18.09 24.01
C PRO B 259 3.07 -18.18 22.93
N SER B 260 2.65 -19.41 22.66
CA SER B 260 1.52 -19.67 21.78
C SER B 260 0.19 -19.37 22.47
N PHE B 261 -0.87 -19.31 21.70
CA PHE B 261 -2.11 -18.88 22.31
C PHE B 261 -2.78 -19.96 23.15
N PRO B 262 -2.59 -21.25 22.84
CA PRO B 262 -3.13 -22.27 23.77
C PRO B 262 -2.54 -22.14 25.15
N ARG B 263 -1.25 -21.87 25.24
CA ARG B 263 -0.67 -21.63 26.56
C ARG B 263 -1.15 -20.30 27.12
N ILE B 264 -1.22 -19.26 26.30
CA ILE B 264 -1.70 -17.98 26.79
C ILE B 264 -3.10 -18.13 27.39
N LEU B 265 -3.96 -18.96 26.77
CA LEU B 265 -5.37 -19.05 27.17
C LEU B 265 -5.52 -19.83 28.48
N ALA B 266 -4.86 -20.98 28.59
CA ALA B 266 -4.87 -21.71 29.85
C ALA B 266 -4.53 -20.77 31.01
N GLU B 267 -3.48 -19.97 30.81
CA GLU B 267 -2.97 -19.10 31.86
C GLU B 267 -4.01 -18.10 32.35
N ILE B 268 -4.73 -17.44 31.44
CA ILE B 268 -5.68 -16.40 31.85
C ILE B 268 -6.91 -17.03 32.49
N GLU B 269 -7.44 -18.11 31.89
CA GLU B 269 -8.59 -18.79 32.48
C GLU B 269 -8.26 -19.31 33.86
N GLU B 270 -7.03 -19.80 34.03
CA GLU B 270 -6.59 -20.29 35.33
C GLU B 270 -6.52 -19.18 36.36
N LEU B 271 -5.83 -18.09 36.01
CA LEU B 271 -5.67 -16.98 36.96
C LEU B 271 -6.99 -16.23 37.22
N ALA B 272 -7.97 -16.33 36.32
CA ALA B 272 -9.24 -15.65 36.56
C ALA B 272 -9.94 -16.19 37.80
N ARG B 273 -9.78 -17.49 38.07
CA ARG B 273 -10.13 -18.16 39.33
C ARG B 273 -10.80 -17.31 40.42
#